data_6GOO
#
_entry.id   6GOO
#
_cell.length_a   59.608
_cell.length_b   59.608
_cell.length_c   116.040
_cell.angle_alpha   90.00
_cell.angle_beta   90.00
_cell.angle_gamma   120.00
#
_symmetry.space_group_name_H-M   'P 31 2 1'
#
loop_
_entity.id
_entity.type
_entity.pdbx_description
1 polymer Transthyretin
2 non-polymer 'pentadecafluorooctanoic acid'
3 water water
#
_entity_poly.entity_id   1
_entity_poly.type   'polypeptide(L)'
_entity_poly.pdbx_seq_one_letter_code
;GAMAPTPTDKHGGSDTRCPLMVKILDAVKGTPAGSVALKVSQKTADGGWTQIATGVTDATGEIHNLITEQQFPAGVYRVE
FDTKAYWTNQGSTPFHEVAEVVFDAHPEGHRHYTLALLLSPFSYTTTAVVSSVHE
;
_entity_poly.pdbx_strand_id   A,B
#
loop_
_chem_comp.id
_chem_comp.type
_chem_comp.name
_chem_comp.formula
8PF non-polymer 'pentadecafluorooctanoic acid' 'C8 H F15 O2'
#
# COMPACT_ATOMS: atom_id res chain seq x y z
N CYS A 18 -22.51 1.88 8.98
CA CYS A 18 -21.49 1.78 7.93
C CYS A 18 -20.37 0.88 8.40
N PRO A 19 -20.05 -0.16 7.65
CA PRO A 19 -19.02 -1.11 8.08
C PRO A 19 -17.60 -0.71 7.75
N LEU A 20 -17.37 0.31 6.93
CA LEU A 20 -16.04 0.66 6.43
C LEU A 20 -15.85 2.16 6.60
N MET A 21 -14.86 2.53 7.41
CA MET A 21 -14.50 3.92 7.65
C MET A 21 -13.03 4.12 7.31
N VAL A 22 -12.67 5.36 6.94
CA VAL A 22 -11.26 5.72 6.76
C VAL A 22 -10.94 6.93 7.63
N LYS A 23 -9.66 7.06 8.01
CA LYS A 23 -9.18 8.25 8.70
C LYS A 23 -7.79 8.57 8.17
N ILE A 24 -7.61 9.74 7.54
CA ILE A 24 -6.33 10.10 6.94
C ILE A 24 -5.77 11.33 7.64
N LEU A 25 -4.49 11.25 8.05
CA LEU A 25 -3.78 12.35 8.67
C LEU A 25 -2.57 12.75 7.84
N ASP A 26 -2.18 14.01 8.07
CA ASP A 26 -1.07 14.67 7.39
C ASP A 26 0.05 14.87 8.43
N ALA A 27 1.17 14.19 8.21
CA ALA A 27 2.32 14.22 9.11
C ALA A 27 3.22 15.42 8.91
N VAL A 28 2.97 16.24 7.89
CA VAL A 28 3.74 17.46 7.68
C VAL A 28 3.09 18.63 8.41
N LYS A 29 1.77 18.77 8.29
CA LYS A 29 1.03 19.87 8.90
C LYS A 29 0.39 19.56 10.24
N GLY A 30 0.23 18.29 10.61
CA GLY A 30 -0.45 17.97 11.86
C GLY A 30 -1.95 18.20 11.84
N THR A 31 -2.61 17.87 10.73
CA THR A 31 -4.04 18.00 10.52
C THR A 31 -4.54 16.72 9.90
N PRO A 32 -5.86 16.47 9.94
CA PRO A 32 -6.41 15.46 9.04
C PRO A 32 -6.13 15.87 7.60
N ALA A 33 -6.14 14.88 6.70
CA ALA A 33 -5.83 15.09 5.28
C ALA A 33 -7.16 15.25 4.55
N GLY A 34 -7.55 16.52 4.32
CA GLY A 34 -8.76 16.82 3.61
C GLY A 34 -8.59 16.72 2.10
N SER A 35 -9.70 16.47 1.41
CA SER A 35 -9.77 16.49 -0.06
C SER A 35 -8.87 15.42 -0.70
N VAL A 36 -8.76 14.25 -0.07
CA VAL A 36 -8.08 13.10 -0.65
C VAL A 36 -9.13 12.25 -1.35
N ALA A 37 -8.95 12.01 -2.65
CA ALA A 37 -9.82 11.11 -3.41
C ALA A 37 -9.47 9.63 -3.17
N LEU A 38 -10.48 8.79 -3.09
CA LEU A 38 -10.22 7.35 -2.96
C LEU A 38 -11.30 6.57 -3.70
N LYS A 39 -11.01 5.29 -3.89
N LYS A 39 -11.01 5.29 -3.93
CA LYS A 39 -11.91 4.36 -4.53
CA LYS A 39 -11.98 4.38 -4.52
C LYS A 39 -11.90 3.07 -3.74
C LYS A 39 -11.89 3.04 -3.84
N VAL A 40 -13.07 2.43 -3.65
CA VAL A 40 -13.22 1.11 -3.03
C VAL A 40 -13.61 0.14 -4.12
N SER A 41 -12.87 -0.98 -4.22
CA SER A 41 -13.19 -2.05 -5.16
C SER A 41 -13.24 -3.41 -4.47
N GLN A 42 -14.06 -4.30 -5.02
CA GLN A 42 -14.22 -5.69 -4.58
C GLN A 42 -13.60 -6.63 -5.61
N LYS A 43 -12.81 -7.59 -5.14
CA LYS A 43 -12.09 -8.48 -6.04
C LYS A 43 -13.09 -9.45 -6.69
N THR A 44 -12.91 -9.70 -7.99
CA THR A 44 -13.76 -10.64 -8.72
C THR A 44 -13.08 -12.01 -8.81
N ALA A 45 -13.86 -12.99 -9.26
CA ALA A 45 -13.36 -14.37 -9.33
C ALA A 45 -12.13 -14.48 -10.22
N ASP A 46 -12.14 -13.79 -11.35
CA ASP A 46 -11.05 -13.91 -12.30
C ASP A 46 -9.90 -12.96 -11.97
N GLY A 47 -9.85 -12.43 -10.75
CA GLY A 47 -8.73 -11.61 -10.34
C GLY A 47 -8.88 -10.14 -10.60
N GLY A 48 -9.96 -9.71 -11.25
CA GLY A 48 -10.18 -8.31 -11.53
C GLY A 48 -10.77 -7.60 -10.33
N TRP A 49 -11.25 -6.39 -10.57
CA TRP A 49 -11.74 -5.51 -9.52
C TRP A 49 -13.00 -4.81 -9.97
N THR A 50 -14.01 -4.81 -9.11
CA THR A 50 -15.28 -4.13 -9.33
C THR A 50 -15.35 -2.87 -8.48
N GLN A 51 -15.42 -1.70 -9.10
CA GLN A 51 -15.59 -0.47 -8.32
C GLN A 51 -16.95 -0.45 -7.63
N ILE A 52 -16.95 -0.23 -6.31
CA ILE A 52 -18.21 -0.19 -5.60
C ILE A 52 -18.47 1.16 -4.93
N ALA A 53 -17.46 1.99 -4.68
CA ALA A 53 -17.71 3.33 -4.17
C ALA A 53 -16.48 4.18 -4.41
N THR A 54 -16.72 5.48 -4.39
CA THR A 54 -15.67 6.51 -4.46
C THR A 54 -16.06 7.65 -3.54
N GLY A 55 -15.06 8.47 -3.21
CA GLY A 55 -15.33 9.65 -2.44
C GLY A 55 -14.06 10.46 -2.23
N VAL A 56 -14.23 11.57 -1.53
CA VAL A 56 -13.18 12.53 -1.23
C VAL A 56 -13.29 12.86 0.25
N THR A 57 -12.19 12.76 0.99
CA THR A 57 -12.28 12.98 2.43
C THR A 57 -12.75 14.40 2.74
N ASP A 58 -13.48 14.55 3.84
CA ASP A 58 -13.79 15.89 4.33
C ASP A 58 -12.60 16.45 5.11
N ALA A 59 -12.82 17.58 5.76
CA ALA A 59 -11.77 18.27 6.48
C ALA A 59 -11.28 17.50 7.71
N THR A 60 -12.05 16.51 8.18
CA THR A 60 -11.64 15.63 9.28
C THR A 60 -10.95 14.36 8.77
N GLY A 61 -10.69 14.26 7.48
CA GLY A 61 -9.98 13.12 6.94
C GLY A 61 -10.80 11.87 6.83
N GLU A 62 -12.12 12.01 6.76
CA GLU A 62 -13.07 10.92 6.76
C GLU A 62 -14.03 11.02 5.57
N ILE A 63 -14.69 9.91 5.28
CA ILE A 63 -15.87 9.89 4.39
C ILE A 63 -16.99 9.17 5.14
N HIS A 64 -18.02 9.91 5.52
N HIS A 64 -18.00 9.93 5.56
CA HIS A 64 -19.09 9.33 6.31
CA HIS A 64 -19.11 9.33 6.30
C HIS A 64 -20.01 8.49 5.43
C HIS A 64 -19.93 8.43 5.39
N ASN A 65 -20.43 7.33 5.97
CA ASN A 65 -21.28 6.38 5.26
C ASN A 65 -20.75 6.09 3.86
N LEU A 66 -19.47 5.70 3.82
CA LEU A 66 -18.81 5.41 2.55
C LEU A 66 -19.56 4.32 1.76
N ILE A 67 -19.93 3.22 2.44
CA ILE A 67 -20.69 2.13 1.83
C ILE A 67 -21.70 1.61 2.84
N THR A 68 -22.65 0.83 2.35
CA THR A 68 -23.68 0.25 3.19
C THR A 68 -23.31 -1.19 3.51
N GLU A 69 -24.04 -1.77 4.47
CA GLU A 69 -23.77 -3.15 4.81
C GLU A 69 -24.12 -4.09 3.66
N GLN A 70 -25.14 -3.75 2.88
CA GLN A 70 -25.49 -4.56 1.72
C GLN A 70 -24.39 -4.54 0.66
N GLN A 71 -23.65 -3.44 0.56
CA GLN A 71 -22.54 -3.36 -0.38
C GLN A 71 -21.30 -4.10 0.09
N PHE A 72 -21.28 -4.65 1.30
CA PHE A 72 -20.04 -5.12 1.92
C PHE A 72 -20.14 -6.58 2.30
N PRO A 73 -20.33 -7.48 1.32
CA PRO A 73 -20.30 -8.90 1.63
C PRO A 73 -18.88 -9.36 1.93
N ALA A 74 -18.79 -10.55 2.51
CA ALA A 74 -17.49 -11.17 2.71
C ALA A 74 -16.73 -11.25 1.39
N GLY A 75 -15.43 -10.95 1.43
CA GLY A 75 -14.61 -10.95 0.23
C GLY A 75 -13.39 -10.08 0.43
N VAL A 76 -12.58 -9.99 -0.61
CA VAL A 76 -11.38 -9.16 -0.62
C VAL A 76 -11.70 -7.78 -1.18
N TYR A 77 -11.21 -6.76 -0.50
CA TYR A 77 -11.44 -5.39 -0.91
C TYR A 77 -10.13 -4.65 -1.03
N ARG A 78 -10.13 -3.63 -1.87
CA ARG A 78 -8.98 -2.78 -2.12
C ARG A 78 -9.47 -1.35 -2.02
N VAL A 79 -8.85 -0.56 -1.15
CA VAL A 79 -9.10 0.87 -1.09
C VAL A 79 -7.85 1.55 -1.60
N GLU A 80 -8.01 2.32 -2.68
CA GLU A 80 -6.94 3.04 -3.34
C GLU A 80 -7.09 4.52 -3.01
N PHE A 81 -6.10 5.09 -2.35
CA PHE A 81 -6.06 6.51 -1.96
C PHE A 81 -5.14 7.29 -2.89
N ASP A 82 -5.65 8.39 -3.47
CA ASP A 82 -4.84 9.17 -4.43
C ASP A 82 -4.04 10.21 -3.64
N THR A 83 -2.91 9.71 -3.08
CA THR A 83 -2.02 10.54 -2.28
C THR A 83 -1.18 11.46 -3.15
N LYS A 84 -0.88 11.08 -4.40
CA LYS A 84 -0.03 11.91 -5.24
C LYS A 84 -0.66 13.28 -5.42
N ALA A 85 -1.94 13.32 -5.76
CA ALA A 85 -2.62 14.59 -5.99
C ALA A 85 -2.68 15.43 -4.74
N TYR A 86 -2.83 14.78 -3.59
CA TYR A 86 -2.88 15.50 -2.33
C TYR A 86 -1.58 16.26 -2.11
N TRP A 87 -0.44 15.57 -2.32
CA TRP A 87 0.85 16.25 -2.12
C TRP A 87 1.10 17.30 -3.20
N THR A 88 0.73 17.01 -4.45
CA THR A 88 0.90 18.03 -5.50
C THR A 88 0.18 19.31 -5.11
N ASN A 89 -1.05 19.20 -4.59
CA ASN A 89 -1.79 20.38 -4.17
C ASN A 89 -1.08 21.11 -3.04
N GLN A 90 -0.48 20.37 -2.10
CA GLN A 90 0.23 20.97 -0.99
C GLN A 90 1.55 21.61 -1.42
N GLY A 91 1.98 21.40 -2.65
CA GLY A 91 3.24 21.90 -3.12
C GLY A 91 4.42 20.96 -2.94
N SER A 92 4.21 19.80 -2.33
CA SER A 92 5.26 18.83 -2.10
C SER A 92 5.43 17.92 -3.30
N THR A 93 6.58 17.26 -3.35
CA THR A 93 6.92 16.34 -4.44
C THR A 93 6.77 14.91 -3.93
N PRO A 94 5.71 14.19 -4.26
CA PRO A 94 5.46 12.89 -3.64
C PRO A 94 6.23 11.75 -4.31
N PHE A 95 6.45 10.70 -3.54
CA PHE A 95 7.07 9.49 -4.04
C PHE A 95 6.04 8.52 -4.60
N HIS A 96 4.99 8.23 -3.84
CA HIS A 96 4.03 7.22 -4.26
C HIS A 96 2.99 7.79 -5.21
N GLU A 97 2.49 6.93 -6.09
CA GLU A 97 1.34 7.25 -6.93
C GLU A 97 0.04 7.21 -6.14
N VAL A 98 -0.13 6.16 -5.35
CA VAL A 98 -1.31 5.95 -4.53
C VAL A 98 -0.85 5.24 -3.25
N ALA A 99 -1.71 5.23 -2.25
CA ALA A 99 -1.62 4.31 -1.12
C ALA A 99 -2.72 3.28 -1.33
N GLU A 100 -2.35 1.99 -1.28
CA GLU A 100 -3.29 0.89 -1.50
C GLU A 100 -3.44 0.12 -0.20
N VAL A 101 -4.68 -0.21 0.17
CA VAL A 101 -4.95 -1.09 1.28
C VAL A 101 -5.85 -2.22 0.79
N VAL A 102 -5.36 -3.46 0.89
CA VAL A 102 -6.08 -4.64 0.42
C VAL A 102 -6.27 -5.64 1.56
N PHE A 103 -7.49 -6.12 1.76
CA PHE A 103 -7.76 -6.97 2.92
C PHE A 103 -8.99 -7.85 2.65
N ASP A 104 -9.08 -8.93 3.40
CA ASP A 104 -10.23 -9.82 3.32
C ASP A 104 -11.19 -9.39 4.41
N ALA A 105 -12.43 -9.13 4.04
CA ALA A 105 -13.46 -8.64 4.95
C ALA A 105 -14.32 -9.81 5.40
N HIS A 106 -14.59 -9.90 6.72
CA HIS A 106 -15.55 -10.85 7.29
C HIS A 106 -16.59 -10.07 8.09
N PRO A 107 -17.61 -9.50 7.43
CA PRO A 107 -18.48 -8.52 8.08
C PRO A 107 -19.57 -9.09 8.99
N GLU A 108 -19.63 -10.40 9.22
CA GLU A 108 -20.76 -10.92 9.97
C GLU A 108 -20.74 -10.37 11.38
N GLY A 109 -21.93 -10.19 11.94
CA GLY A 109 -22.05 -9.62 13.27
C GLY A 109 -21.84 -8.13 13.31
N HIS A 110 -21.99 -7.45 12.19
CA HIS A 110 -21.74 -6.00 12.13
C HIS A 110 -20.31 -5.66 12.56
N ARG A 111 -19.38 -6.57 12.27
CA ARG A 111 -17.96 -6.28 12.41
C ARG A 111 -17.62 -5.06 11.56
N HIS A 112 -16.90 -4.12 12.14
N HIS A 112 -16.86 -4.15 12.15
CA HIS A 112 -16.58 -2.85 11.49
CA HIS A 112 -16.55 -2.86 11.55
C HIS A 112 -15.09 -2.71 11.25
C HIS A 112 -15.06 -2.78 11.21
N TYR A 113 -14.74 -2.04 10.15
CA TYR A 113 -13.37 -1.83 9.70
C TYR A 113 -13.08 -0.35 9.58
N THR A 114 -12.00 0.11 10.23
CA THR A 114 -11.48 1.46 10.10
C THR A 114 -10.07 1.37 9.55
N LEU A 115 -9.83 2.04 8.43
CA LEU A 115 -8.52 2.07 7.79
C LEU A 115 -7.91 3.42 8.12
N ALA A 116 -6.81 3.43 8.88
CA ALA A 116 -6.12 4.67 9.23
C ALA A 116 -4.88 4.80 8.36
N LEU A 117 -4.55 6.03 8.03
CA LEU A 117 -3.48 6.30 7.08
C LEU A 117 -2.83 7.63 7.44
N LEU A 118 -1.50 7.58 7.62
CA LEU A 118 -0.69 8.73 7.99
C LEU A 118 0.28 9.02 6.85
N LEU A 119 0.16 10.19 6.27
CA LEU A 119 0.85 10.53 5.03
C LEU A 119 2.01 11.49 5.25
N SER A 120 3.15 11.18 4.63
CA SER A 120 4.26 12.10 4.36
C SER A 120 4.58 12.03 2.87
N PRO A 121 5.31 13.01 2.32
CA PRO A 121 5.57 12.97 0.87
C PRO A 121 6.28 11.70 0.40
N PHE A 122 7.20 11.14 1.20
CA PHE A 122 7.93 9.96 0.79
C PHE A 122 7.62 8.74 1.63
N SER A 123 6.49 8.75 2.36
N SER A 123 6.50 8.76 2.38
CA SER A 123 6.23 7.68 3.29
CA SER A 123 6.23 7.64 3.28
C SER A 123 4.75 7.67 3.69
C SER A 123 4.76 7.66 3.68
N TYR A 124 4.24 6.47 4.02
CA TYR A 124 2.97 6.40 4.73
C TYR A 124 2.94 5.19 5.65
N THR A 125 2.17 5.36 6.72
CA THR A 125 1.85 4.33 7.68
C THR A 125 0.36 4.04 7.58
N THR A 126 0.02 2.77 7.47
N THR A 126 0.01 2.75 7.48
CA THR A 126 -1.38 2.41 7.52
CA THR A 126 -1.38 2.32 7.40
C THR A 126 -1.59 1.31 8.55
C THR A 126 -1.63 1.26 8.46
N THR A 127 -2.74 1.38 9.19
CA THR A 127 -3.13 0.35 10.16
C THR A 127 -4.64 0.20 10.06
N ALA A 128 -5.14 -0.85 10.69
CA ALA A 128 -6.58 -1.09 10.70
C ALA A 128 -7.01 -1.37 12.13
N VAL A 129 -8.21 -0.88 12.44
CA VAL A 129 -8.91 -1.18 13.68
C VAL A 129 -10.16 -1.95 13.31
N VAL A 130 -10.28 -3.17 13.83
CA VAL A 130 -11.37 -4.06 13.50
C VAL A 130 -12.06 -4.45 14.80
N SER A 131 -13.37 -4.27 14.84
CA SER A 131 -14.15 -4.46 16.07
C SER A 131 -14.52 -5.92 16.22
N CYS B 18 22.47 -1.97 -9.65
CA CYS B 18 21.07 -2.28 -9.46
C CYS B 18 20.29 -1.05 -8.95
N PRO B 19 19.26 -0.64 -9.66
CA PRO B 19 18.57 0.59 -9.30
C PRO B 19 17.44 0.46 -8.30
N LEU B 20 17.03 -0.75 -7.94
CA LEU B 20 15.87 -0.95 -7.07
C LEU B 20 16.23 -1.96 -5.99
N MET B 21 16.16 -1.55 -4.73
N MET B 21 16.21 -1.53 -4.73
CA MET B 21 16.46 -2.41 -3.60
CA MET B 21 16.50 -2.35 -3.56
C MET B 21 15.31 -2.33 -2.60
C MET B 21 15.28 -2.36 -2.65
N VAL B 22 15.23 -3.35 -1.74
CA VAL B 22 14.22 -3.39 -0.69
C VAL B 22 14.91 -3.67 0.63
N LYS B 23 14.25 -3.26 1.71
CA LYS B 23 14.70 -3.59 3.07
C LYS B 23 13.44 -3.77 3.91
N ILE B 24 13.22 -4.98 4.39
CA ILE B 24 11.99 -5.30 5.13
C ILE B 24 12.36 -5.66 6.56
N LEU B 25 11.68 -5.02 7.51
CA LEU B 25 11.88 -5.26 8.93
C LEU B 25 10.59 -5.74 9.59
N ASP B 26 10.76 -6.51 10.66
CA ASP B 26 9.68 -7.10 11.44
C ASP B 26 9.61 -6.32 12.75
N ALA B 27 8.50 -5.61 12.95
CA ALA B 27 8.29 -4.75 14.10
C ALA B 27 7.84 -5.49 15.35
N VAL B 28 7.54 -6.78 15.25
CA VAL B 28 7.20 -7.58 16.42
C VAL B 28 8.46 -8.11 17.07
N LYS B 29 9.34 -8.71 16.29
CA LYS B 29 10.51 -9.35 16.90
C LYS B 29 11.80 -8.53 16.73
N GLY B 30 11.78 -7.37 16.08
CA GLY B 30 12.99 -6.57 15.97
C GLY B 30 14.09 -7.16 15.12
N THR B 31 13.75 -7.77 14.00
CA THR B 31 14.72 -8.39 13.11
C THR B 31 14.31 -8.05 11.70
N PRO B 32 15.21 -8.24 10.72
CA PRO B 32 14.77 -8.17 9.34
C PRO B 32 13.74 -9.26 9.06
N ALA B 33 12.90 -9.02 8.06
CA ALA B 33 11.89 -9.99 7.65
C ALA B 33 12.48 -10.88 6.56
N GLY B 34 12.85 -12.10 6.95
CA GLY B 34 13.38 -13.05 6.00
C GLY B 34 12.28 -13.81 5.27
N SER B 35 12.59 -14.21 4.04
CA SER B 35 11.72 -15.06 3.23
C SER B 35 10.40 -14.38 2.84
N VAL B 36 10.40 -13.08 2.62
CA VAL B 36 9.21 -12.40 2.13
C VAL B 36 9.27 -12.41 0.61
N ALA B 37 8.26 -13.01 -0.03
CA ALA B 37 8.13 -13.02 -1.47
C ALA B 37 7.57 -11.70 -2.00
N LEU B 38 8.05 -11.30 -3.17
CA LEU B 38 7.51 -10.10 -3.79
C LEU B 38 7.54 -10.23 -5.31
N LYS B 39 6.76 -9.37 -5.96
CA LYS B 39 6.67 -9.29 -7.42
C LYS B 39 6.75 -7.83 -7.79
N VAL B 40 7.52 -7.55 -8.84
CA VAL B 40 7.72 -6.21 -9.39
C VAL B 40 7.04 -6.15 -10.74
N SER B 41 6.23 -5.09 -10.97
CA SER B 41 5.53 -4.91 -12.22
C SER B 41 5.69 -3.45 -12.69
N GLN B 42 5.68 -3.24 -14.00
N GLN B 42 5.41 -3.27 -13.98
CA GLN B 42 5.65 -1.88 -14.56
CA GLN B 42 5.62 -2.02 -14.69
C GLN B 42 4.30 -1.67 -15.23
C GLN B 42 4.31 -1.66 -15.37
N LYS B 43 3.78 -0.45 -15.10
CA LYS B 43 2.47 -0.09 -15.64
C LYS B 43 2.57 0.16 -17.15
N THR B 44 1.63 -0.39 -17.90
CA THR B 44 1.61 -0.19 -19.35
C THR B 44 0.85 1.08 -19.74
N ALA B 45 0.96 1.46 -21.01
CA ALA B 45 0.30 2.69 -21.47
C ALA B 45 -1.21 2.62 -21.29
N ASP B 46 -1.81 1.45 -21.45
CA ASP B 46 -3.25 1.30 -21.32
C ASP B 46 -3.70 1.10 -19.88
N GLY B 47 -2.77 1.12 -18.92
CA GLY B 47 -3.12 1.06 -17.52
C GLY B 47 -3.03 -0.31 -16.90
N GLY B 48 -2.56 -1.31 -17.64
CA GLY B 48 -2.31 -2.63 -17.11
C GLY B 48 -0.92 -2.75 -16.52
N TRP B 49 -0.55 -3.98 -16.18
CA TRP B 49 0.67 -4.24 -15.41
C TRP B 49 1.42 -5.40 -16.04
N THR B 50 2.70 -5.20 -16.29
CA THR B 50 3.56 -6.29 -16.74
C THR B 50 4.51 -6.67 -15.62
N GLN B 51 4.49 -7.93 -15.23
CA GLN B 51 5.45 -8.44 -14.24
C GLN B 51 6.83 -8.48 -14.86
N ILE B 52 7.83 -7.92 -14.17
CA ILE B 52 9.19 -7.88 -14.67
C ILE B 52 10.17 -8.61 -13.77
N ALA B 53 9.81 -8.92 -12.52
CA ALA B 53 10.74 -9.65 -11.66
C ALA B 53 10.00 -10.17 -10.43
N THR B 54 10.59 -11.21 -9.84
CA THR B 54 10.16 -11.75 -8.56
C THR B 54 11.41 -12.00 -7.73
N GLY B 55 11.20 -12.15 -6.42
CA GLY B 55 12.31 -12.48 -5.54
C GLY B 55 11.78 -12.81 -4.16
N VAL B 56 12.69 -13.21 -3.28
CA VAL B 56 12.36 -13.51 -1.89
C VAL B 56 13.46 -12.89 -1.04
N THR B 57 13.09 -12.23 0.05
CA THR B 57 14.12 -11.59 0.88
C THR B 57 14.99 -12.65 1.53
N ASP B 58 16.26 -12.29 1.71
CA ASP B 58 17.20 -13.11 2.47
C ASP B 58 17.05 -12.78 3.96
N ALA B 59 17.95 -13.31 4.79
CA ALA B 59 17.74 -13.12 6.22
C ALA B 59 18.09 -11.70 6.65
N THR B 60 18.64 -10.87 5.75
CA THR B 60 18.81 -9.47 6.05
C THR B 60 17.63 -8.63 5.59
N GLY B 61 16.59 -9.26 5.04
CA GLY B 61 15.44 -8.49 4.61
C GLY B 61 15.64 -7.81 3.28
N GLU B 62 16.63 -8.26 2.49
CA GLU B 62 17.02 -7.66 1.23
C GLU B 62 16.90 -8.67 0.07
N ILE B 63 16.86 -8.13 -1.16
CA ILE B 63 16.98 -8.93 -2.38
C ILE B 63 18.05 -8.27 -3.24
N HIS B 64 19.17 -8.95 -3.46
CA HIS B 64 20.19 -8.36 -4.30
C HIS B 64 19.88 -8.61 -5.78
N ASN B 65 20.27 -7.64 -6.61
CA ASN B 65 20.12 -7.71 -8.06
C ASN B 65 18.70 -8.05 -8.48
N LEU B 66 17.74 -7.34 -7.87
CA LEU B 66 16.33 -7.53 -8.20
C LEU B 66 16.03 -7.26 -9.67
N ILE B 67 16.51 -6.13 -10.22
CA ILE B 67 16.39 -5.80 -11.65
C ILE B 67 17.67 -5.11 -12.10
N THR B 68 17.79 -4.91 -13.41
CA THR B 68 18.90 -4.17 -14.00
C THR B 68 18.45 -2.78 -14.42
N GLU B 69 19.44 -1.90 -14.67
CA GLU B 69 19.11 -0.56 -15.16
C GLU B 69 18.43 -0.62 -16.50
N GLN B 70 18.76 -1.64 -17.29
CA GLN B 70 18.11 -1.82 -18.59
C GLN B 70 16.63 -2.15 -18.43
N GLN B 71 16.26 -2.79 -17.33
CA GLN B 71 14.86 -3.10 -17.09
C GLN B 71 14.10 -1.96 -16.41
N PHE B 72 14.71 -0.78 -16.21
CA PHE B 72 14.16 0.26 -15.34
C PHE B 72 14.13 1.63 -15.99
N PRO B 73 13.38 1.78 -17.09
CA PRO B 73 13.09 3.13 -17.59
C PRO B 73 12.18 3.87 -16.62
N ALA B 74 12.01 5.18 -16.86
CA ALA B 74 11.05 5.95 -16.08
C ALA B 74 9.64 5.39 -16.29
N GLY B 75 8.79 5.57 -15.29
CA GLY B 75 7.43 5.08 -15.39
C GLY B 75 6.84 4.79 -14.02
N VAL B 76 5.70 4.11 -14.03
CA VAL B 76 5.03 3.72 -12.79
C VAL B 76 5.30 2.25 -12.53
N TYR B 77 5.81 1.96 -11.33
CA TYR B 77 6.13 0.61 -10.89
C TYR B 77 5.34 0.25 -9.64
N ARG B 78 5.10 -1.05 -9.48
CA ARG B 78 4.42 -1.59 -8.31
C ARG B 78 5.29 -2.71 -7.75
N VAL B 79 5.53 -2.71 -6.44
CA VAL B 79 6.11 -3.87 -5.76
C VAL B 79 5.04 -4.46 -4.84
N GLU B 80 4.64 -5.71 -5.12
N GLU B 80 4.70 -5.73 -5.08
CA GLU B 80 3.70 -6.45 -4.28
CA GLU B 80 3.69 -6.45 -4.31
C GLU B 80 4.48 -7.32 -3.31
C GLU B 80 4.39 -7.40 -3.33
N PHE B 81 4.28 -7.09 -2.03
CA PHE B 81 4.91 -7.91 -0.99
C PHE B 81 3.87 -8.85 -0.38
N ASP B 82 4.15 -10.15 -0.38
CA ASP B 82 3.25 -11.15 0.17
C ASP B 82 3.42 -11.18 1.68
N THR B 83 2.83 -10.17 2.33
CA THR B 83 2.94 -10.07 3.77
C THR B 83 1.98 -11.04 4.47
N LYS B 84 0.90 -11.45 3.81
CA LYS B 84 -0.03 -12.36 4.45
C LYS B 84 0.64 -13.71 4.72
N ALA B 85 1.37 -14.22 3.72
CA ALA B 85 2.09 -15.49 3.94
C ALA B 85 3.17 -15.34 4.98
N TYR B 86 3.82 -14.17 5.05
CA TYR B 86 4.83 -13.95 6.07
C TYR B 86 4.23 -14.05 7.48
N TRP B 87 3.11 -13.36 7.73
CA TRP B 87 2.56 -13.37 9.08
C TRP B 87 2.00 -14.72 9.45
N THR B 88 1.36 -15.40 8.50
CA THR B 88 0.89 -16.77 8.72
C THR B 88 2.04 -17.68 9.17
N ASN B 89 3.20 -17.57 8.53
CA ASN B 89 4.35 -18.37 8.88
C ASN B 89 4.97 -17.96 10.21
N GLN B 90 4.84 -16.67 10.60
CA GLN B 90 5.27 -16.24 11.92
C GLN B 90 4.31 -16.69 13.00
N GLY B 91 3.10 -17.04 12.61
CA GLY B 91 2.11 -17.51 13.55
C GLY B 91 1.20 -16.44 14.08
N SER B 92 1.09 -15.31 13.40
CA SER B 92 0.22 -14.23 13.85
C SER B 92 -0.75 -13.89 12.73
N THR B 93 -2.00 -13.77 13.07
CA THR B 93 -3.04 -13.51 12.11
C THR B 93 -2.86 -12.12 11.48
N PRO B 94 -2.75 -12.02 10.16
CA PRO B 94 -2.57 -10.70 9.54
C PRO B 94 -3.87 -10.07 9.09
N PHE B 95 -3.80 -8.74 8.94
CA PHE B 95 -4.91 -8.01 8.38
C PHE B 95 -4.83 -7.91 6.85
N HIS B 96 -3.67 -7.52 6.32
CA HIS B 96 -3.57 -7.20 4.90
C HIS B 96 -3.36 -8.45 4.07
N GLU B 97 -4.00 -8.44 2.91
CA GLU B 97 -3.86 -9.52 1.95
C GLU B 97 -2.49 -9.42 1.27
N VAL B 98 -1.98 -8.21 1.14
N VAL B 98 -1.89 -8.15 1.18
CA VAL B 98 -0.72 -7.94 0.47
CA VAL B 98 -0.64 -7.89 0.50
C VAL B 98 -0.36 -6.51 0.83
C VAL B 98 -0.28 -6.46 0.86
N ALA B 99 0.92 -6.16 0.70
CA ALA B 99 1.34 -4.77 0.78
C ALA B 99 1.82 -4.35 -0.61
N GLU B 100 1.15 -3.39 -1.21
CA GLU B 100 1.54 -2.89 -2.51
C GLU B 100 2.13 -1.50 -2.36
N VAL B 101 3.32 -1.32 -2.91
CA VAL B 101 3.97 -0.01 -3.01
C VAL B 101 4.02 0.38 -4.48
N VAL B 102 3.38 1.50 -4.82
CA VAL B 102 3.24 1.98 -6.20
C VAL B 102 3.86 3.36 -6.30
N PHE B 103 4.82 3.53 -7.24
CA PHE B 103 5.62 4.74 -7.21
C PHE B 103 6.07 5.12 -8.61
N ASP B 104 6.41 6.40 -8.74
CA ASP B 104 6.93 6.98 -9.97
C ASP B 104 8.45 6.91 -9.95
N ALA B 105 9.03 6.34 -11.01
CA ALA B 105 10.48 6.21 -11.13
C ALA B 105 11.01 7.27 -12.09
N HIS B 106 12.12 7.90 -11.70
CA HIS B 106 12.81 8.93 -12.49
C HIS B 106 14.30 8.59 -12.50
N PRO B 107 14.67 7.51 -13.20
CA PRO B 107 16.04 6.97 -13.07
C PRO B 107 17.11 7.84 -13.70
N GLU B 108 16.74 8.80 -14.54
CA GLU B 108 17.72 9.67 -15.15
C GLU B 108 18.82 10.00 -14.14
N GLY B 109 20.05 9.65 -14.48
CA GLY B 109 21.19 9.99 -13.66
C GLY B 109 21.63 8.95 -12.66
N HIS B 110 21.30 7.68 -12.88
CA HIS B 110 21.74 6.61 -12.00
C HIS B 110 21.17 6.75 -10.59
N ARG B 111 20.02 7.41 -10.49
CA ARG B 111 19.27 7.46 -9.26
C ARG B 111 18.87 6.05 -8.86
N HIS B 112 19.17 5.66 -7.62
CA HIS B 112 18.78 4.36 -7.07
C HIS B 112 17.62 4.56 -6.11
N TYR B 113 16.78 3.53 -5.99
CA TYR B 113 15.61 3.52 -5.13
C TYR B 113 15.68 2.35 -4.13
N THR B 114 15.51 2.65 -2.86
CA THR B 114 15.38 1.63 -1.81
C THR B 114 14.01 1.77 -1.18
N LEU B 115 13.23 0.71 -1.24
CA LEU B 115 11.93 0.64 -0.62
C LEU B 115 12.11 -0.03 0.72
N ALA B 116 11.88 0.72 1.79
CA ALA B 116 11.93 0.20 3.15
C ALA B 116 10.50 -0.08 3.59
N LEU B 117 10.34 -1.17 4.35
CA LEU B 117 9.02 -1.65 4.73
C LEU B 117 9.11 -2.22 6.14
N LEU B 118 8.32 -1.65 7.06
CA LEU B 118 8.25 -2.07 8.47
C LEU B 118 6.90 -2.74 8.74
N LEU B 119 6.94 -4.03 9.06
CA LEU B 119 5.76 -4.89 9.14
C LEU B 119 5.32 -5.19 10.57
N SER B 120 4.02 -5.04 10.81
CA SER B 120 3.31 -5.57 11.97
C SER B 120 2.08 -6.30 11.46
N PRO B 121 1.44 -7.16 12.29
CA PRO B 121 0.29 -7.92 11.76
C PRO B 121 -0.84 -7.06 11.20
N PHE B 122 -1.16 -5.93 11.83
CA PHE B 122 -2.26 -5.08 11.38
C PHE B 122 -1.81 -3.74 10.80
N SER B 123 -0.51 -3.54 10.57
N SER B 123 -0.53 -3.56 10.54
CA SER B 123 0.01 -2.26 10.13
CA SER B 123 -0.04 -2.29 10.03
C SER B 123 1.30 -2.43 9.33
C SER B 123 1.22 -2.50 9.20
N TYR B 124 1.56 -1.47 8.43
CA TYR B 124 2.91 -1.36 7.90
C TYR B 124 3.20 0.10 7.60
N THR B 125 4.50 0.41 7.67
CA THR B 125 5.06 1.69 7.30
C THR B 125 5.99 1.48 6.12
N THR B 126 5.81 2.26 5.08
N THR B 126 5.78 2.27 5.09
CA THR B 126 6.72 2.19 3.96
CA THR B 126 6.58 2.26 3.87
C THR B 126 7.22 3.57 3.58
C THR B 126 7.24 3.62 3.72
N THR B 127 8.51 3.63 3.29
CA THR B 127 9.16 4.85 2.89
C THR B 127 10.15 4.50 1.80
N ALA B 128 10.81 5.51 1.27
CA ALA B 128 11.79 5.29 0.24
C ALA B 128 13.00 6.18 0.50
N VAL B 129 14.16 5.66 0.12
CA VAL B 129 15.41 6.42 0.10
C VAL B 129 15.85 6.48 -1.36
N VAL B 130 15.94 7.67 -1.89
CA VAL B 130 16.27 7.87 -3.28
C VAL B 130 17.59 8.59 -3.31
N SER B 131 18.58 7.98 -3.95
CA SER B 131 19.92 8.53 -4.03
C SER B 131 19.91 9.71 -4.96
C13 8PF C . -3.67 7.20 13.68
C16 8PF C . -2.51 6.26 13.92
C19 8PF C . -1.37 6.59 12.96
C10 8PF C . -4.92 6.65 14.33
C22 8PF C . -1.57 6.16 11.53
F01 8PF C . -5.55 8.60 15.41
C02 8PF C . -5.95 7.75 14.45
F03 8PF C . -6.01 8.40 13.29
C04 8PF C . -7.34 7.27 14.81
F05 8PF C . -7.29 6.34 15.77
F06 8PF C . -7.91 6.69 13.74
C07 8PF C . -8.20 8.47 15.27
O08 8PF C . -8.55 8.44 16.49
O09 8PF C . -8.54 9.40 14.50
F11 8PF C . -5.41 5.64 13.60
F12 8PF C . -4.61 6.17 15.55
F14 8PF C . -3.37 8.40 14.20
F15 8PF C . -3.86 7.32 12.36
F17 8PF C . -2.90 4.99 13.73
F18 8PF C . -2.04 6.42 15.16
F20 8PF C . -0.26 6.00 13.43
F21 8PF C . -1.19 7.92 12.98
F23 8PF C . -0.41 6.24 10.87
F24 8PF C . -2.47 6.95 10.94
F25 8PF C . -2.01 4.89 11.50
C13 8PF D . 13.72 1.71 8.50
C16 8PF D . 12.86 2.90 8.89
C19 8PF D . 11.56 2.41 9.47
C10 8PF D . 14.84 2.17 7.60
C22 8PF D . 10.54 1.88 8.48
F01 8PF D . 16.56 1.11 8.74
C02 8PF D . 15.92 1.11 7.55
F03 8PF D . 15.34 -0.09 7.39
C04 8PF D . 16.96 1.29 6.47
F05 8PF D . 17.35 2.56 6.41
F06 8PF D . 16.42 1.00 5.27
C07 8PF D . 18.17 0.37 6.72
O08 8PF D . 18.04 -0.85 7.01
O09 8PF D . 19.29 0.92 6.63
F11 8PF D . 14.37 2.38 6.36
F12 8PF D . 15.35 3.32 8.05
F14 8PF D . 14.23 1.16 9.62
F15 8PF D . 12.96 0.81 7.88
F17 8PF D . 12.63 3.66 7.81
F18 8PF D . 13.48 3.62 9.83
F20 8PF D . 10.99 3.43 10.14
F21 8PF D . 11.82 1.44 10.36
F23 8PF D . 10.35 2.79 7.52
F24 8PF D . 9.39 1.65 9.11
F25 8PF D . 11.00 0.74 7.95
#